data_4HBC
#
_entry.id   4HBC
#
_cell.length_a   132.934
_cell.length_b   42.184
_cell.length_c   86.179
_cell.angle_alpha   90.000
_cell.angle_beta   114.930
_cell.angle_gamma   90.000
#
_symmetry.space_group_name_H-M   'C 1 2 1'
#
loop_
_entity.id
_entity.type
_entity.pdbx_description
1 polymer 'Antigen Binding Fragment, Immunoglobulin IgG - Heavy Chain'
2 polymer 'Antigen Binding Fragment, Immunoglobulin IgG - Light Chain'
3 non-polymer 'SULFATE ION'
4 water water
#
loop_
_entity_poly.entity_id
_entity_poly.type
_entity_poly.pdbx_seq_one_letter_code
_entity_poly.pdbx_strand_id
1 'polypeptide(L)'
;QSVEESGGRLVTPGTPLTLACTVSGFSLNTYSMFWVRQAPGKGLQWIGIISNFGVIYYATWAKGRFTISKTSTTVDLKIT
SPTTEDTATYFCVRKYGSEWGGDLWGPGTLVTVSSGQPKAPSVFPLAPCCGDTPSSTVTLGCLVKGYLPEPVTVTWNSGT
LTNGVRTFPSVRQSSGLYSLSSVVSVTSSSQPVTCNVAHPATNTKVDKTVAPSTC
;
H
2 'polypeptide(L)'
;DVVMTQTPASVSEPVGGTVTIKCQASQSISSYLAWYQQKPGQRPRLLIYETSTLASGVPSRFKGSGSGTDFTLTISDLEC
ADAATYYCQSTYENPTYVSFGGGTEVGVKGDPVAPTVLIFPPSADLVATGTVTIVCVANKYFPDVTVTWEVDGTTQTTGI
ENSKTPQNSADCTYNLSSTLTLTSTEYNSHKEYTCKVTQGTTSVVQSFNRGDC
;
L
#
loop_
_chem_comp.id
_chem_comp.type
_chem_comp.name
_chem_comp.formula
SO4 non-polymer 'SULFATE ION' 'O4 S -2'
#
# COMPACT_ATOMS: atom_id res chain seq x y z
N GLN A 1 17.92 6.98 15.81
CA GLN A 1 16.52 7.38 16.00
C GLN A 1 15.61 7.23 14.81
N SER A 2 16.12 7.44 13.59
CA SER A 2 15.29 7.25 12.44
C SER A 2 16.10 7.04 11.20
N VAL A 3 15.40 6.50 10.21
CA VAL A 3 15.95 5.98 9.00
C VAL A 3 15.05 6.50 7.89
N GLU A 4 15.66 6.99 6.80
CA GLU A 4 14.87 7.44 5.66
CA GLU A 4 14.90 7.51 5.66
C GLU A 4 15.61 7.09 4.39
N GLU A 5 14.88 6.41 3.49
CA GLU A 5 15.42 6.02 2.21
C GLU A 5 15.11 7.09 1.19
N SER A 6 16.00 7.15 0.21
CA SER A 6 15.76 8.04 -0.91
C SER A 6 16.38 7.46 -2.19
N GLY A 7 15.96 8.00 -3.34
CA GLY A 7 16.58 7.64 -4.59
C GLY A 7 15.77 6.68 -5.45
N GLY A 8 14.62 6.24 -4.93
CA GLY A 8 13.77 5.40 -5.75
C GLY A 8 13.27 6.23 -6.92
N ARG A 9 13.35 5.67 -8.09
CA ARG A 9 12.94 6.37 -9.33
C ARG A 9 12.68 5.36 -10.45
N LEU A 10 12.20 5.87 -11.59
CA LEU A 10 11.91 5.05 -12.72
C LEU A 10 13.16 4.98 -13.60
N VAL A 11 13.59 3.76 -13.92
CA VAL A 11 14.72 3.55 -14.83
C VAL A 11 14.40 2.45 -15.84
N THR A 12 15.12 2.42 -16.96
CA THR A 12 14.95 1.35 -17.90
C THR A 12 15.82 0.18 -17.42
N PRO A 13 15.46 -1.07 -17.81
CA PRO A 13 16.30 -2.21 -17.47
C PRO A 13 17.76 -1.99 -17.86
N GLY A 14 18.69 -2.40 -17.01
CA GLY A 14 20.12 -2.26 -17.30
C GLY A 14 20.71 -0.94 -16.78
N THR A 15 19.84 -0.01 -16.42
CA THR A 15 20.29 1.28 -15.90
C THR A 15 20.63 1.24 -14.38
N PRO A 16 21.93 1.33 -14.02
CA PRO A 16 22.30 1.34 -12.59
C PRO A 16 21.66 2.48 -11.85
N LEU A 17 21.27 2.15 -10.65
CA LEU A 17 20.89 3.20 -9.76
C LEU A 17 21.26 2.89 -8.33
N THR A 18 21.39 3.96 -7.58
CA THR A 18 21.72 3.84 -6.17
C THR A 18 20.70 4.51 -5.26
N LEU A 19 20.38 3.80 -4.19
CA LEU A 19 19.49 4.26 -3.14
C LEU A 19 20.27 4.60 -1.90
N ALA A 20 19.84 5.66 -1.24
CA ALA A 20 20.51 6.08 -0.05
C ALA A 20 19.62 5.86 1.20
N CYS A 21 20.21 5.46 2.30
CA CYS A 21 19.48 5.37 3.53
CA CYS A 21 19.48 5.37 3.53
C CYS A 21 20.20 6.31 4.47
N THR A 22 19.51 7.39 4.83
CA THR A 22 20.08 8.40 5.75
C THR A 22 19.59 8.17 7.14
N VAL A 23 20.55 8.03 8.04
CA VAL A 23 20.20 7.85 9.44
C VAL A 23 20.33 9.11 10.28
N SER A 24 19.51 9.20 11.34
CA SER A 24 19.66 10.22 12.36
CA SER A 24 19.72 10.21 12.35
C SER A 24 19.44 9.65 13.74
N GLY A 25 20.16 10.21 14.71
CA GLY A 25 19.93 9.90 16.10
C GLY A 25 20.67 8.71 16.63
N PHE A 26 21.45 8.08 15.75
CA PHE A 26 22.38 7.00 16.14
C PHE A 26 23.54 6.95 15.15
N SER A 27 24.59 6.24 15.52
CA SER A 27 25.78 6.16 14.69
C SER A 27 25.94 4.80 14.01
N LEU A 28 26.39 4.84 12.77
CA LEU A 28 26.67 3.61 11.99
C LEU A 28 28.00 3.01 12.47
N ASN A 29 28.72 3.72 13.34
CA ASN A 29 29.89 3.14 14.03
C ASN A 29 29.45 2.04 15.00
N THR A 30 28.19 2.11 15.42
CA THR A 30 27.60 1.26 16.47
C THR A 30 26.63 0.23 15.89
N TYR A 31 25.83 0.66 14.93
CA TYR A 31 24.75 -0.16 14.42
C TYR A 31 25.02 -0.67 13.02
N SER A 32 24.64 -1.92 12.81
CA SER A 32 24.56 -2.52 11.49
C SER A 32 23.23 -2.15 10.84
N MET A 33 23.21 -2.15 9.50
CA MET A 33 22.02 -1.85 8.71
C MET A 33 21.82 -2.92 7.66
N PHE A 34 20.56 -3.18 7.27
CA PHE A 34 20.28 -4.13 6.22
C PHE A 34 19.18 -3.57 5.30
N TRP A 35 19.09 -4.15 4.11
CA TRP A 35 18.13 -3.79 3.08
C TRP A 35 17.16 -4.92 2.84
N VAL A 36 15.88 -4.58 2.70
CA VAL A 36 14.77 -5.51 2.45
C VAL A 36 14.01 -4.90 1.30
N ARG A 37 13.42 -5.73 0.45
CA ARG A 37 12.54 -5.17 -0.59
C ARG A 37 11.21 -5.86 -0.61
N GLN A 38 10.28 -5.25 -1.32
CA GLN A 38 8.91 -5.75 -1.34
C GLN A 38 8.31 -5.35 -2.69
N ALA A 39 8.20 -6.35 -3.57
CA ALA A 39 7.56 -6.15 -4.87
C ALA A 39 6.11 -5.75 -4.59
N PRO A 40 5.48 -5.01 -5.52
CA PRO A 40 4.12 -4.55 -5.29
C PRO A 40 3.18 -5.74 -5.01
N GLY A 41 2.46 -5.67 -3.91
CA GLY A 41 1.50 -6.70 -3.53
C GLY A 41 2.12 -8.01 -3.07
N LYS A 42 3.44 -8.03 -2.86
CA LYS A 42 4.16 -9.24 -2.49
C LYS A 42 4.77 -9.17 -1.10
N GLY A 43 5.57 -10.18 -0.74
CA GLY A 43 6.14 -10.24 0.62
C GLY A 43 7.50 -9.59 0.72
N LEU A 44 8.05 -9.62 1.92
CA LEU A 44 9.35 -9.08 2.20
C LEU A 44 10.47 -10.01 1.76
N GLN A 45 11.52 -9.45 1.19
CA GLN A 45 12.68 -10.20 0.74
C GLN A 45 13.96 -9.53 1.20
N TRP A 46 14.77 -10.29 1.93
CA TRP A 46 16.02 -9.76 2.51
C TRP A 46 17.07 -9.70 1.43
N ILE A 47 17.78 -8.58 1.33
CA ILE A 47 18.83 -8.37 0.32
C ILE A 47 20.23 -8.61 0.89
N GLY A 48 20.56 -7.94 1.99
CA GLY A 48 21.93 -8.02 2.52
C GLY A 48 22.12 -7.04 3.68
N ILE A 49 23.31 -7.10 4.27
CA ILE A 49 23.55 -6.41 5.53
C ILE A 49 24.99 -5.87 5.54
N ILE A 50 25.18 -4.77 6.26
CA ILE A 50 26.50 -4.19 6.47
C ILE A 50 26.67 -3.91 7.96
N SER A 51 27.71 -4.49 8.55
CA SER A 51 27.92 -4.31 9.94
C SER A 51 28.42 -2.90 10.27
N ASN A 52 28.36 -2.53 11.54
CA ASN A 52 28.97 -1.28 12.02
C ASN A 52 30.47 -1.21 11.66
N PHE A 53 31.12 -2.37 11.48
CA PHE A 53 32.52 -2.37 11.00
C PHE A 53 32.73 -2.49 9.48
N GLY A 54 31.63 -2.48 8.70
CA GLY A 54 31.77 -2.45 7.27
C GLY A 54 31.80 -3.79 6.58
N VAL A 55 31.50 -4.87 7.33
CA VAL A 55 31.57 -6.21 6.75
C VAL A 55 30.17 -6.48 6.18
N ILE A 56 30.15 -6.88 4.92
CA ILE A 56 28.90 -7.00 4.12
C ILE A 56 28.62 -8.47 3.76
N TYR A 57 27.35 -8.87 3.85
CA TYR A 57 26.92 -10.19 3.41
C TYR A 57 25.68 -10.00 2.61
N TYR A 58 25.54 -10.82 1.57
CA TYR A 58 24.37 -10.75 0.71
C TYR A 58 23.58 -12.05 0.72
N ALA A 59 22.26 -11.93 0.60
CA ALA A 59 21.43 -13.10 0.28
C ALA A 59 22.00 -13.76 -0.97
N THR A 60 21.91 -15.09 -1.04
CA THR A 60 22.44 -15.81 -2.22
C THR A 60 21.91 -15.29 -3.57
N TRP A 61 20.60 -15.13 -3.68
CA TRP A 61 20.00 -14.62 -4.93
C TRP A 61 20.54 -13.25 -5.31
N ALA A 62 20.97 -12.48 -4.29
CA ALA A 62 21.34 -11.06 -4.45
C ALA A 62 22.81 -10.87 -4.87
N LYS A 63 23.62 -11.92 -4.74
CA LYS A 63 25.06 -11.84 -5.03
CA LYS A 63 25.06 -11.80 -5.02
C LYS A 63 25.31 -11.36 -6.46
N GLY A 64 26.09 -10.28 -6.59
CA GLY A 64 26.45 -9.71 -7.89
C GLY A 64 25.40 -8.79 -8.47
N ARG A 65 24.25 -8.67 -7.81
CA ARG A 65 23.17 -7.85 -8.32
C ARG A 65 23.13 -6.52 -7.56
N PHE A 66 23.64 -6.53 -6.34
CA PHE A 66 23.60 -5.34 -5.49
C PHE A 66 24.92 -5.14 -4.84
N THR A 67 25.21 -3.88 -4.53
CA THR A 67 26.39 -3.51 -3.76
C THR A 67 25.97 -2.57 -2.66
N ILE A 68 26.32 -2.94 -1.45
CA ILE A 68 26.03 -2.15 -0.26
C ILE A 68 27.28 -1.42 0.13
N SER A 69 27.16 -0.19 0.62
CA SER A 69 28.29 0.62 1.07
C SER A 69 27.82 1.56 2.18
N LYS A 70 28.76 2.21 2.85
CA LYS A 70 28.40 3.16 3.87
C LYS A 70 29.26 4.41 3.82
N THR A 71 28.66 5.50 4.23
CA THR A 71 29.38 6.78 4.30
C THR A 71 29.29 7.25 5.74
N SER A 72 29.66 8.51 5.98
CA SER A 72 29.58 9.05 7.33
C SER A 72 28.14 9.21 7.84
N THR A 73 27.15 9.22 6.94
CA THR A 73 25.76 9.48 7.33
C THR A 73 24.75 8.52 6.73
N THR A 74 25.21 7.62 5.87
CA THR A 74 24.28 6.81 5.10
C THR A 74 24.78 5.37 4.93
N VAL A 75 23.86 4.48 4.63
CA VAL A 75 24.22 3.23 3.93
C VAL A 75 23.52 3.31 2.61
N ASP A 76 24.12 2.69 1.61
CA ASP A 76 23.65 2.83 0.26
C ASP A 76 23.52 1.49 -0.43
N LEU A 77 22.62 1.42 -1.40
CA LEU A 77 22.35 0.20 -2.11
C LEU A 77 22.39 0.51 -3.62
N LYS A 78 23.44 0.02 -4.30
CA LYS A 78 23.56 0.12 -5.74
C LYS A 78 22.96 -1.13 -6.33
N ILE A 79 22.05 -0.93 -7.28
CA ILE A 79 21.47 -2.03 -8.02
C ILE A 79 22.22 -2.03 -9.36
N THR A 80 23.08 -3.04 -9.54
CA THR A 80 24.00 -3.08 -10.68
C THR A 80 23.38 -3.09 -12.06
N SER A 81 22.38 -3.94 -12.26
CA SER A 81 21.77 -4.07 -13.56
C SER A 81 20.28 -4.42 -13.42
N PRO A 82 19.44 -3.41 -13.12
CA PRO A 82 18.03 -3.59 -12.79
C PRO A 82 17.24 -4.32 -13.86
N THR A 83 16.29 -5.14 -13.42
CA THR A 83 15.43 -5.89 -14.35
C THR A 83 14.03 -5.52 -13.92
N THR A 84 13.04 -5.74 -14.77
CA THR A 84 11.65 -5.47 -14.44
C THR A 84 11.26 -6.00 -13.05
N GLU A 85 11.79 -7.17 -12.70
CA GLU A 85 11.43 -7.82 -11.44
C GLU A 85 12.07 -7.15 -10.21
N ASP A 86 12.95 -6.16 -10.43
CA ASP A 86 13.53 -5.38 -9.32
C ASP A 86 12.64 -4.19 -8.90
N THR A 87 11.49 -4.08 -9.57
CA THR A 87 10.47 -3.11 -9.24
C THR A 87 9.94 -3.51 -7.88
N ALA A 88 10.12 -2.61 -6.91
CA ALA A 88 9.83 -2.90 -5.51
C ALA A 88 10.02 -1.65 -4.69
N THR A 89 9.40 -1.66 -3.52
CA THR A 89 9.79 -0.76 -2.46
C THR A 89 10.98 -1.34 -1.72
N TYR A 90 12.01 -0.50 -1.53
CA TYR A 90 13.25 -0.83 -0.81
C TYR A 90 13.32 -0.15 0.54
N PHE A 91 13.48 -0.99 1.54
CA PHE A 91 13.59 -0.51 2.89
C PHE A 91 14.98 -0.70 3.46
N CYS A 92 15.43 0.30 4.21
CA CYS A 92 16.60 0.08 5.01
CA CYS A 92 16.60 0.23 5.02
C CYS A 92 16.16 -0.03 6.47
N VAL A 93 16.95 -0.78 7.23
CA VAL A 93 16.51 -1.28 8.53
C VAL A 93 17.69 -1.33 9.46
N ARG A 94 17.49 -0.81 10.65
CA ARG A 94 18.51 -0.87 11.66
C ARG A 94 18.46 -2.21 12.36
N LYS A 95 19.60 -2.89 12.43
CA LYS A 95 19.67 -4.21 13.11
C LYS A 95 19.61 -4.02 14.62
N TYR A 96 18.79 -4.81 15.34
CA TYR A 96 18.88 -4.76 16.81
C TYR A 96 20.05 -5.63 17.25
N GLY A 97 20.45 -5.53 18.51
CA GLY A 97 21.71 -6.14 18.93
C GLY A 97 21.89 -7.64 18.78
N SER A 98 20.88 -8.42 19.17
CA SER A 98 21.05 -9.86 19.45
C SER A 98 20.92 -10.80 18.24
N GLU A 99 20.34 -10.32 17.12
CA GLU A 99 20.12 -11.21 15.97
C GLU A 99 20.22 -10.39 14.70
N TRP A 100 20.09 -11.02 13.53
CA TRP A 100 19.99 -10.22 12.28
C TRP A 100 18.56 -9.90 11.97
N GLY A 101 17.88 -9.26 12.90
CA GLY A 101 16.55 -8.72 12.62
C GLY A 101 16.60 -7.21 12.82
N GLY A 102 15.48 -6.52 12.57
CA GLY A 102 15.52 -5.06 12.61
C GLY A 102 14.44 -4.37 13.40
N ASP A 103 14.82 -3.35 14.17
CA ASP A 103 13.88 -2.58 14.99
C ASP A 103 13.39 -1.30 14.32
N LEU A 104 14.26 -0.60 13.62
CA LEU A 104 13.87 0.69 13.03
C LEU A 104 13.87 0.54 11.52
N TRP A 105 12.72 0.80 10.91
CA TRP A 105 12.53 0.74 9.45
C TRP A 105 12.24 2.10 8.92
N GLY A 106 12.71 2.34 7.70
CA GLY A 106 12.31 3.53 6.99
C GLY A 106 10.94 3.35 6.36
N PRO A 107 10.41 4.43 5.73
CA PRO A 107 9.13 4.33 5.01
C PRO A 107 9.27 3.54 3.69
N GLY A 108 10.52 3.35 3.25
CA GLY A 108 10.79 2.74 1.95
C GLY A 108 10.86 3.75 0.80
N THR A 109 11.61 3.38 -0.22
CA THR A 109 11.69 4.16 -1.46
C THR A 109 11.39 3.26 -2.68
N LEU A 110 10.63 3.76 -3.63
CA LEU A 110 10.08 2.88 -4.62
C LEU A 110 10.90 2.95 -5.90
N VAL A 111 11.40 1.79 -6.31
CA VAL A 111 12.12 1.64 -7.55
C VAL A 111 11.20 1.06 -8.58
N THR A 112 11.13 1.73 -9.72
CA THR A 112 10.37 1.19 -10.84
C THR A 112 11.29 0.93 -12.02
N VAL A 113 11.29 -0.30 -12.52
CA VAL A 113 12.10 -0.63 -13.66
C VAL A 113 11.16 -0.97 -14.80
N SER A 114 11.18 -0.18 -15.89
CA SER A 114 10.21 -0.32 -16.99
C SER A 114 10.75 0.30 -18.27
N SER A 115 10.25 -0.13 -19.42
CA SER A 115 10.59 0.54 -20.68
C SER A 115 9.64 1.71 -20.96
N GLY A 116 8.56 1.84 -20.15
CA GLY A 116 7.65 2.98 -20.33
C GLY A 116 8.23 4.29 -19.85
N GLN A 117 7.87 5.40 -20.48
CA GLN A 117 8.40 6.71 -20.06
C GLN A 117 7.61 7.36 -18.94
N PRO A 118 8.25 8.24 -18.16
CA PRO A 118 7.45 8.88 -17.10
C PRO A 118 6.31 9.74 -17.67
N LYS A 119 5.21 9.77 -16.91
CA LYS A 119 3.99 10.51 -17.28
C LYS A 119 3.45 11.21 -16.06
N ALA A 120 3.28 12.52 -16.18
CA ALA A 120 2.59 13.30 -15.15
C ALA A 120 1.09 12.89 -15.09
N PRO A 121 0.51 12.94 -13.88
CA PRO A 121 -0.92 12.66 -13.77
C PRO A 121 -1.80 13.74 -14.41
N SER A 122 -2.97 13.33 -14.90
CA SER A 122 -4.08 14.26 -15.20
C SER A 122 -5.09 14.19 -14.07
N VAL A 123 -5.59 15.35 -13.66
CA VAL A 123 -6.46 15.46 -12.48
C VAL A 123 -7.83 15.98 -12.87
N PHE A 124 -8.86 15.39 -12.28
CA PHE A 124 -10.23 15.78 -12.58
C PHE A 124 -11.05 15.89 -11.30
N PRO A 125 -11.93 16.91 -11.22
CA PRO A 125 -12.66 17.06 -9.96
C PRO A 125 -13.82 16.04 -9.84
N LEU A 126 -14.10 15.64 -8.60
CA LEU A 126 -15.19 14.72 -8.26
C LEU A 126 -16.17 15.45 -7.37
N ALA A 127 -17.42 15.52 -7.79
CA ALA A 127 -18.45 16.16 -7.00
C ALA A 127 -19.81 15.56 -7.33
N PRO A 128 -20.79 15.77 -6.42
CA PRO A 128 -22.14 15.27 -6.69
C PRO A 128 -22.73 15.91 -7.92
N CYS A 129 -23.66 15.21 -8.59
CA CYS A 129 -24.41 15.75 -9.68
C CYS A 129 -25.00 17.09 -9.28
N CYS A 130 -24.88 18.04 -10.20
CA CYS A 130 -25.52 19.32 -10.16
C CYS A 130 -26.88 19.24 -9.46
N GLY A 131 -27.03 19.99 -8.36
CA GLY A 131 -28.32 20.08 -7.67
C GLY A 131 -28.61 19.11 -6.55
N ASP A 132 -27.73 18.15 -6.27
CA ASP A 132 -28.00 17.22 -5.17
C ASP A 132 -28.14 18.00 -3.85
N THR A 133 -29.11 17.63 -3.03
CA THR A 133 -29.34 18.34 -1.75
C THR A 133 -28.58 17.72 -0.54
N PRO A 134 -27.65 18.49 0.09
CA PRO A 134 -26.80 18.00 1.20
C PRO A 134 -27.52 17.64 2.50
N THR A 137 -23.18 18.28 5.07
CA THR A 137 -21.96 17.49 4.81
C THR A 137 -21.84 17.00 3.33
N VAL A 138 -20.72 17.33 2.68
CA VAL A 138 -20.55 16.93 1.26
C VAL A 138 -19.19 16.23 1.07
N THR A 139 -19.16 15.23 0.20
CA THR A 139 -17.90 14.58 -0.16
C THR A 139 -17.49 15.01 -1.55
N LEU A 140 -16.27 15.56 -1.65
CA LEU A 140 -15.72 15.99 -2.93
C LEU A 140 -14.41 15.22 -3.13
N GLY A 141 -13.88 15.25 -4.33
CA GLY A 141 -12.66 14.49 -4.58
C GLY A 141 -11.91 14.89 -5.84
N CYS A 142 -10.80 14.20 -6.08
CA CYS A 142 -10.04 14.35 -7.31
C CYS A 142 -9.68 12.96 -7.79
N LEU A 143 -9.89 12.76 -9.09
CA LEU A 143 -9.46 11.59 -9.81
C LEU A 143 -8.08 11.93 -10.35
N VAL A 144 -7.12 11.04 -10.11
CA VAL A 144 -5.72 11.30 -10.46
C VAL A 144 -5.29 10.12 -11.35
N LYS A 145 -5.14 10.36 -12.64
CA LYS A 145 -4.87 9.23 -13.52
C LYS A 145 -3.77 9.40 -14.56
N GLY A 146 -3.35 8.26 -15.11
CA GLY A 146 -2.43 8.18 -16.25
C GLY A 146 -0.98 8.45 -15.91
N TYR A 147 -0.58 8.17 -14.68
CA TYR A 147 0.80 8.48 -14.26
C TYR A 147 1.73 7.30 -14.08
N LEU A 148 3.03 7.60 -14.30
CA LEU A 148 4.11 6.66 -14.08
C LEU A 148 5.36 7.47 -13.76
N PRO A 149 6.13 7.05 -12.74
CA PRO A 149 5.90 5.96 -11.81
C PRO A 149 5.04 6.44 -10.64
N GLU A 150 4.68 5.51 -9.78
CA GLU A 150 4.22 5.85 -8.46
C GLU A 150 5.40 6.46 -7.74
N PRO A 151 5.16 7.27 -6.69
CA PRO A 151 3.83 7.63 -6.19
C PRO A 151 3.45 9.04 -6.60
N VAL A 152 2.18 9.38 -6.40
CA VAL A 152 1.74 10.76 -6.31
C VAL A 152 1.53 11.06 -4.85
N THR A 153 1.62 12.34 -4.50
CA THR A 153 1.28 12.75 -3.17
C THR A 153 0.09 13.65 -3.34
N VAL A 154 -1.02 13.26 -2.71
CA VAL A 154 -2.26 14.02 -2.76
C VAL A 154 -2.46 14.68 -1.42
N THR A 155 -2.61 16.00 -1.44
CA THR A 155 -2.95 16.73 -0.23
C THR A 155 -4.21 17.53 -0.50
N TRP A 156 -4.83 18.00 0.56
CA TRP A 156 -5.98 18.86 0.44
C TRP A 156 -5.67 20.15 1.12
N ASN A 157 -5.97 21.24 0.45
CA ASN A 157 -5.70 22.57 0.99
C ASN A 157 -4.29 22.72 1.49
N SER A 158 -3.37 22.27 0.63
CA SER A 158 -1.92 22.42 0.80
C SER A 158 -1.40 21.63 2.01
N GLY A 159 -2.13 20.57 2.35
CA GLY A 159 -1.78 19.73 3.49
C GLY A 159 -2.39 20.16 4.81
N THR A 160 -3.13 21.26 4.82
CA THR A 160 -3.74 21.75 6.04
C THR A 160 -5.01 21.01 6.37
N LEU A 161 -5.65 20.42 5.34
CA LEU A 161 -6.83 19.61 5.52
C LEU A 161 -6.44 18.12 5.50
N THR A 162 -6.52 17.47 6.67
CA THR A 162 -6.21 16.03 6.77
C THR A 162 -7.36 15.17 7.29
N ASN A 163 -8.25 15.77 8.09
CA ASN A 163 -9.46 15.10 8.62
C ASN A 163 -10.36 14.68 7.47
N GLY A 164 -11.01 13.52 7.60
CA GLY A 164 -12.03 13.11 6.64
C GLY A 164 -11.51 12.85 5.24
N VAL A 165 -10.23 12.53 5.09
CA VAL A 165 -9.68 12.29 3.77
C VAL A 165 -9.51 10.80 3.53
N ARG A 166 -9.96 10.31 2.38
CA ARG A 166 -9.66 8.93 2.00
C ARG A 166 -9.00 8.92 0.61
N THR A 167 -7.74 8.48 0.57
CA THR A 167 -7.03 8.37 -0.69
C THR A 167 -6.83 6.88 -0.92
N PHE A 168 -7.52 6.37 -1.94
CA PHE A 168 -7.54 4.94 -2.22
C PHE A 168 -6.23 4.48 -2.76
N PRO A 169 -5.86 3.21 -2.48
CA PRO A 169 -4.63 2.71 -3.04
C PRO A 169 -4.66 2.81 -4.59
N SER A 170 -3.52 3.09 -5.20
CA SER A 170 -3.47 3.25 -6.67
C SER A 170 -3.63 1.86 -7.24
N VAL A 171 -4.11 1.80 -8.46
CA VAL A 171 -4.16 0.56 -9.18
C VAL A 171 -3.42 0.80 -10.50
N ARG A 172 -2.58 -0.15 -10.88
CA ARG A 172 -1.86 -0.11 -12.14
C ARG A 172 -2.70 -0.76 -13.24
N GLN A 173 -2.95 -0.01 -14.33
CA GLN A 173 -3.67 -0.57 -15.47
CA GLN A 173 -3.66 -0.51 -15.50
C GLN A 173 -2.70 -1.32 -16.39
N SER A 174 -3.27 -2.01 -17.38
CA SER A 174 -2.49 -2.80 -18.36
C SER A 174 -1.43 -1.98 -19.09
N SER A 175 -1.71 -0.68 -19.26
CA SER A 175 -0.82 0.27 -19.92
C SER A 175 0.43 0.58 -19.07
N GLY A 176 0.39 0.16 -17.80
CA GLY A 176 1.50 0.37 -16.87
C GLY A 176 1.29 1.63 -16.04
N LEU A 177 0.25 2.36 -16.38
CA LEU A 177 -0.04 3.65 -15.75
C LEU A 177 -0.90 3.44 -14.54
N TYR A 178 -0.84 4.40 -13.62
CA TYR A 178 -1.53 4.28 -12.38
C TYR A 178 -2.67 5.27 -12.33
N SER A 179 -3.64 4.94 -11.48
CA SER A 179 -4.81 5.80 -11.23
C SER A 179 -5.27 5.62 -9.76
N LEU A 180 -5.78 6.71 -9.18
CA LEU A 180 -6.40 6.67 -7.83
C LEU A 180 -7.37 7.84 -7.75
N SER A 181 -8.27 7.77 -6.79
CA SER A 181 -9.07 8.91 -6.42
C SER A 181 -8.78 9.20 -4.96
N SER A 182 -8.87 10.47 -4.58
CA SER A 182 -8.86 10.92 -3.22
C SER A 182 -10.16 11.65 -2.98
N VAL A 183 -10.84 11.34 -1.87
CA VAL A 183 -12.06 12.04 -1.50
C VAL A 183 -11.95 12.62 -0.08
N VAL A 184 -12.60 13.76 0.12
CA VAL A 184 -12.62 14.42 1.40
C VAL A 184 -14.06 14.79 1.73
N SER A 185 -14.43 14.57 2.98
CA SER A 185 -15.75 14.93 3.49
CA SER A 185 -15.74 14.93 3.45
C SER A 185 -15.61 16.23 4.26
N VAL A 186 -16.44 17.21 3.94
CA VAL A 186 -16.39 18.51 4.63
C VAL A 186 -17.77 18.96 5.07
N THR A 187 -17.82 19.85 6.06
CA THR A 187 -19.08 20.47 6.42
C THR A 187 -19.41 21.51 5.33
N SER A 188 -20.52 21.31 4.65
CA SER A 188 -20.95 22.11 3.50
C SER A 188 -20.64 23.63 3.55
N PRO A 192 -14.18 26.41 0.24
CA PRO A 192 -13.85 25.51 -0.87
C PRO A 192 -12.58 24.69 -0.63
N VAL A 193 -12.55 23.46 -1.15
CA VAL A 193 -11.43 22.57 -1.00
C VAL A 193 -10.64 22.44 -2.31
N THR A 194 -9.33 22.36 -2.15
CA THR A 194 -8.41 22.20 -3.27
C THR A 194 -7.54 20.99 -3.10
N CYS A 195 -7.50 20.13 -4.12
CA CYS A 195 -6.58 18.99 -4.05
C CYS A 195 -5.29 19.36 -4.70
N ASN A 196 -4.20 18.95 -4.09
CA ASN A 196 -2.87 19.21 -4.67
C ASN A 196 -2.21 17.92 -5.02
N VAL A 197 -1.83 17.77 -6.27
CA VAL A 197 -1.35 16.50 -6.78
C VAL A 197 0.09 16.68 -7.23
N ALA A 198 1.00 16.22 -6.37
CA ALA A 198 2.43 16.31 -6.65
C ALA A 198 2.93 15.00 -7.17
N HIS A 199 3.80 15.09 -8.16
CA HIS A 199 4.39 13.90 -8.73
C HIS A 199 5.85 14.21 -8.79
N PRO A 200 6.58 13.83 -7.72
CA PRO A 200 8.00 14.11 -7.63
C PRO A 200 8.76 13.72 -8.90
N ALA A 201 8.35 12.61 -9.55
CA ALA A 201 9.05 12.11 -10.74
C ALA A 201 9.11 13.13 -11.89
N THR A 202 7.99 13.82 -12.13
CA THR A 202 7.92 14.76 -13.25
C THR A 202 8.05 16.20 -12.75
N ASN A 203 8.34 16.33 -11.45
CA ASN A 203 8.42 17.61 -10.74
C ASN A 203 7.24 18.52 -11.00
N THR A 204 6.06 17.91 -11.10
CA THR A 204 4.86 18.64 -11.39
C THR A 204 3.99 18.65 -10.17
N LYS A 205 3.31 19.78 -10.01
CA LYS A 205 2.26 19.89 -9.03
CA LYS A 205 2.23 19.86 -9.05
C LYS A 205 1.06 20.59 -9.67
N VAL A 206 -0.12 19.99 -9.51
CA VAL A 206 -1.35 20.50 -10.09
C VAL A 206 -2.30 20.75 -8.91
N ASP A 207 -3.04 21.84 -8.98
CA ASP A 207 -4.02 22.14 -7.94
C ASP A 207 -5.35 22.17 -8.60
N LYS A 208 -6.35 21.59 -7.95
CA LYS A 208 -7.73 21.67 -8.48
C LYS A 208 -8.67 22.07 -7.37
N THR A 209 -9.33 23.21 -7.48
CA THR A 209 -10.32 23.61 -6.50
C THR A 209 -11.66 23.08 -6.98
N VAL A 210 -12.25 22.23 -6.17
CA VAL A 210 -13.34 21.39 -6.65
C VAL A 210 -14.64 22.12 -6.40
N ALA A 211 -15.40 22.39 -7.47
CA ALA A 211 -16.76 22.90 -7.29
C ALA A 211 -17.61 21.89 -6.51
N PRO A 212 -18.58 22.40 -5.72
CA PRO A 212 -19.37 21.48 -4.87
C PRO A 212 -20.38 20.57 -5.59
N SER A 213 -20.56 20.79 -6.90
CA SER A 213 -21.39 19.94 -7.77
C SER A 213 -20.89 20.01 -9.23
N THR A 214 -21.49 19.23 -10.12
CA THR A 214 -21.06 19.19 -11.55
C THR A 214 -21.78 20.18 -12.47
N CYS A 215 -22.46 21.18 -11.90
CA CYS A 215 -23.30 22.04 -12.72
C CYS A 215 -22.46 22.73 -13.81
N ASP B 1 20.00 -22.85 1.21
CA ASP B 1 19.50 -21.71 2.03
C ASP B 1 18.25 -22.09 2.82
N VAL B 2 18.04 -21.41 3.94
CA VAL B 2 16.86 -21.65 4.77
C VAL B 2 15.63 -21.07 4.12
N VAL B 3 14.59 -21.89 4.02
CA VAL B 3 13.26 -21.46 3.57
C VAL B 3 12.33 -21.46 4.78
N MET B 4 11.61 -20.35 4.98
CA MET B 4 10.56 -20.28 5.99
C MET B 4 9.21 -20.45 5.29
N THR B 5 8.47 -21.46 5.75
CA THR B 5 7.15 -21.74 5.22
C THR B 5 6.12 -21.29 6.24
N GLN B 6 5.40 -20.24 5.89
CA GLN B 6 4.44 -19.62 6.77
C GLN B 6 3.04 -20.00 6.34
N THR B 7 2.24 -20.44 7.32
CA THR B 7 0.85 -20.83 7.10
C THR B 7 0.05 -20.18 8.24
N PRO B 8 -1.25 -19.87 7.98
CA PRO B 8 -1.93 -19.95 6.67
C PRO B 8 -1.58 -18.70 5.86
N ALA B 9 -1.85 -18.69 4.55
CA ALA B 9 -1.63 -17.49 3.74
C ALA B 9 -2.52 -16.34 4.18
N SER B 10 -3.70 -16.68 4.69
CA SER B 10 -4.61 -15.66 5.17
C SER B 10 -5.59 -16.27 6.12
N VAL B 11 -6.09 -15.46 7.05
CA VAL B 11 -7.05 -15.90 8.04
C VAL B 11 -7.87 -14.69 8.47
N SER B 12 -9.13 -14.94 8.80
CA SER B 12 -9.98 -13.92 9.42
C SER B 12 -10.56 -14.44 10.72
N GLU B 13 -10.51 -13.61 11.77
CA GLU B 13 -11.03 -13.97 13.09
C GLU B 13 -11.85 -12.82 13.65
N PRO B 14 -12.82 -13.13 14.53
CA PRO B 14 -13.62 -12.04 15.10
C PRO B 14 -12.84 -11.22 16.11
N VAL B 15 -13.25 -9.96 16.28
CA VAL B 15 -12.79 -9.14 17.40
C VAL B 15 -12.87 -9.99 18.68
N GLY B 16 -11.81 -9.94 19.51
CA GLY B 16 -11.77 -10.71 20.75
C GLY B 16 -11.28 -12.14 20.51
N GLY B 17 -11.17 -12.54 19.25
CA GLY B 17 -10.71 -13.90 18.93
C GLY B 17 -9.20 -14.09 18.97
N THR B 18 -8.77 -15.24 18.47
CA THR B 18 -7.37 -15.66 18.53
C THR B 18 -6.88 -16.03 17.15
N VAL B 19 -5.71 -15.52 16.79
CA VAL B 19 -5.12 -15.81 15.49
C VAL B 19 -3.86 -16.60 15.77
N THR B 20 -3.75 -17.76 15.11
CA THR B 20 -2.55 -18.57 15.23
C THR B 20 -1.84 -18.69 13.89
N ILE B 21 -0.59 -18.27 13.90
CA ILE B 21 0.21 -18.24 12.69
C ILE B 21 1.42 -19.09 12.92
N LYS B 22 1.79 -19.91 11.94
CA LYS B 22 2.95 -20.79 12.08
C LYS B 22 4.02 -20.55 11.02
N CYS B 23 5.27 -20.71 11.43
CA CYS B 23 6.41 -20.74 10.51
C CYS B 23 7.26 -21.97 10.73
N GLN B 24 7.48 -22.69 9.65
CA GLN B 24 8.42 -23.78 9.64
C GLN B 24 9.72 -23.42 8.94
N ALA B 25 10.84 -23.68 9.59
CA ALA B 25 12.15 -23.47 9.01
C ALA B 25 12.63 -24.77 8.38
N SER B 26 13.27 -24.67 7.22
CA SER B 26 13.76 -25.86 6.52
C SER B 26 14.97 -26.49 7.21
N GLN B 27 15.66 -25.69 8.03
CA GLN B 27 16.78 -26.14 8.87
C GLN B 27 16.60 -25.51 10.24
N SER B 28 17.16 -26.13 11.27
CA SER B 28 17.04 -25.53 12.61
C SER B 28 17.70 -24.15 12.70
N ILE B 29 16.94 -23.20 13.19
CA ILE B 29 17.45 -21.86 13.37
C ILE B 29 17.49 -21.49 14.85
N SER B 30 17.41 -22.53 15.69
CA SER B 30 17.53 -22.36 17.12
C SER B 30 16.42 -21.40 17.61
N SER B 31 16.79 -20.29 18.23
CA SER B 31 15.83 -19.30 18.71
C SER B 31 15.77 -18.05 17.84
N TYR B 32 16.48 -18.05 16.71
CA TYR B 32 16.67 -16.85 15.89
C TYR B 32 15.51 -16.55 14.92
N LEU B 33 14.42 -16.05 15.47
CA LEU B 33 13.24 -15.77 14.67
C LEU B 33 12.55 -14.53 15.20
N ALA B 34 12.09 -13.70 14.28
CA ALA B 34 11.38 -12.48 14.60
C ALA B 34 10.03 -12.45 13.89
N TRP B 35 9.11 -11.65 14.43
CA TRP B 35 7.81 -11.42 13.81
C TRP B 35 7.57 -9.95 13.61
N TYR B 36 7.05 -9.63 12.43
CA TYR B 36 6.74 -8.25 12.05
C TYR B 36 5.27 -8.15 11.70
N GLN B 37 4.71 -6.97 11.94
CA GLN B 37 3.36 -6.64 11.53
C GLN B 37 3.48 -5.58 10.44
N GLN B 38 2.73 -5.71 9.36
CA GLN B 38 2.78 -4.66 8.34
C GLN B 38 1.38 -4.31 7.89
N LYS B 39 0.92 -3.11 8.24
CA LYS B 39 -0.40 -2.67 7.85
C LYS B 39 -0.32 -2.21 6.40
N PRO B 40 -1.46 -2.27 5.67
CA PRO B 40 -1.46 -1.92 4.26
C PRO B 40 -0.93 -0.50 4.04
N GLY B 41 0.00 -0.38 3.11
CA GLY B 41 0.59 0.91 2.77
C GLY B 41 1.57 1.48 3.78
N GLN B 42 1.88 0.71 4.83
CA GLN B 42 2.83 1.18 5.83
C GLN B 42 4.08 0.29 5.92
N ARG B 43 5.10 0.77 6.66
CA ARG B 43 6.33 0.02 6.81
C ARG B 43 6.13 -1.14 7.81
N PRO B 44 6.94 -2.20 7.70
CA PRO B 44 6.89 -3.28 8.71
C PRO B 44 7.26 -2.79 10.11
N ARG B 45 6.68 -3.43 11.12
CA ARG B 45 6.94 -3.08 12.51
C ARG B 45 7.36 -4.33 13.23
N LEU B 46 8.49 -4.28 13.93
CA LEU B 46 8.92 -5.38 14.76
C LEU B 46 8.00 -5.63 15.95
N LEU B 47 7.52 -6.87 16.07
CA LEU B 47 6.70 -7.26 17.21
C LEU B 47 7.51 -8.02 18.21
N ILE B 48 8.21 -9.04 17.72
CA ILE B 48 8.84 -10.05 18.59
C ILE B 48 10.17 -10.42 17.99
N TYR B 49 11.17 -10.59 18.84
CA TYR B 49 12.46 -11.10 18.38
C TYR B 49 12.91 -12.21 19.34
N GLU B 50 13.95 -12.95 19.00
CA GLU B 50 14.45 -14.03 19.89
C GLU B 50 13.31 -15.03 20.20
N THR B 51 12.47 -15.25 19.19
CA THR B 51 11.32 -16.17 19.26
C THR B 51 10.15 -15.60 20.05
N SER B 52 10.44 -15.05 21.24
CA SER B 52 9.41 -14.72 22.23
C SER B 52 9.52 -13.35 22.91
N THR B 53 10.61 -12.61 22.70
CA THR B 53 10.82 -11.34 23.45
C THR B 53 10.02 -10.23 22.79
N LEU B 54 9.17 -9.54 23.54
CA LEU B 54 8.39 -8.43 22.95
C LEU B 54 9.21 -7.16 22.74
N ALA B 55 9.09 -6.54 21.55
CA ALA B 55 9.63 -5.19 21.33
C ALA B 55 8.92 -4.22 22.28
N SER B 56 9.59 -3.14 22.71
CA SER B 56 8.93 -2.21 23.66
C SER B 56 7.62 -1.63 23.09
N GLY B 57 6.62 -1.47 23.96
CA GLY B 57 5.29 -0.93 23.58
C GLY B 57 4.32 -1.94 22.98
N VAL B 58 4.87 -3.04 22.45
CA VAL B 58 4.08 -4.14 21.88
C VAL B 58 3.35 -4.92 22.97
N PRO B 59 2.00 -4.95 22.89
CA PRO B 59 1.16 -5.55 23.94
C PRO B 59 1.39 -7.07 24.11
N SER B 60 1.08 -7.58 25.30
CA SER B 60 1.25 -9.00 25.67
C SER B 60 0.39 -9.97 24.88
N ARG B 61 -0.66 -9.45 24.23
CA ARG B 61 -1.59 -10.22 23.39
C ARG B 61 -0.88 -10.94 22.25
N PHE B 62 0.28 -10.39 21.87
CA PHE B 62 1.15 -10.97 20.86
C PHE B 62 2.12 -11.92 21.55
N LYS B 63 2.01 -13.21 21.24
CA LYS B 63 2.83 -14.20 21.93
C LYS B 63 3.59 -15.07 20.92
N GLY B 64 4.91 -15.03 21.00
CA GLY B 64 5.73 -15.85 20.14
C GLY B 64 6.21 -17.07 20.90
N SER B 65 6.23 -18.21 20.22
CA SER B 65 6.72 -19.47 20.83
C SER B 65 7.40 -20.36 19.79
N GLY B 66 7.97 -21.46 20.26
CA GLY B 66 8.62 -22.40 19.36
C GLY B 66 10.12 -22.40 19.51
N SER B 67 10.77 -23.16 18.62
CA SER B 67 12.23 -23.31 18.60
C SER B 67 12.57 -24.25 17.45
N GLY B 68 13.82 -24.20 16.98
CA GLY B 68 14.34 -25.18 16.02
C GLY B 68 13.84 -24.92 14.62
N THR B 69 12.85 -25.73 14.21
CA THR B 69 12.25 -25.61 12.89
C THR B 69 10.79 -25.22 12.96
N ASP B 70 10.25 -25.08 14.16
CA ASP B 70 8.80 -24.81 14.29
C ASP B 70 8.45 -23.63 15.20
N PHE B 71 7.72 -22.65 14.64
CA PHE B 71 7.46 -21.39 15.34
C PHE B 71 6.02 -20.96 15.25
N THR B 72 5.56 -20.25 16.28
CA THR B 72 4.17 -19.84 16.35
C THR B 72 4.02 -18.42 16.88
N LEU B 73 3.17 -17.65 16.22
CA LEU B 73 2.72 -16.36 16.71
C LEU B 73 1.28 -16.55 17.04
N THR B 74 0.92 -16.21 18.28
CA THR B 74 -0.48 -16.22 18.66
C THR B 74 -0.87 -14.81 19.02
N ILE B 75 -1.94 -14.32 18.41
CA ILE B 75 -2.48 -12.98 18.72
C ILE B 75 -3.81 -13.20 19.43
N SER B 76 -3.87 -12.82 20.72
CA SER B 76 -5.08 -12.97 21.55
C SER B 76 -5.82 -11.67 21.66
N ASP B 77 -7.09 -11.74 22.06
CA ASP B 77 -7.94 -10.56 22.22
C ASP B 77 -7.88 -9.66 21.00
N LEU B 78 -8.09 -10.27 19.84
CA LEU B 78 -7.92 -9.61 18.55
C LEU B 78 -8.66 -8.27 18.50
N GLU B 79 -7.99 -7.25 17.96
CA GLU B 79 -8.53 -5.91 17.81
C GLU B 79 -8.58 -5.56 16.34
N CYS B 80 -9.54 -4.71 15.94
CA CYS B 80 -9.55 -4.13 14.61
C CYS B 80 -8.20 -3.52 14.20
N ALA B 81 -7.51 -2.90 15.17
CA ALA B 81 -6.18 -2.33 14.99
C ALA B 81 -5.12 -3.34 14.55
N ASP B 82 -5.42 -4.64 14.75
CA ASP B 82 -4.48 -5.72 14.41
C ASP B 82 -4.56 -6.22 12.97
N ALA B 83 -5.53 -5.73 12.19
CA ALA B 83 -5.63 -6.09 10.79
C ALA B 83 -4.32 -5.69 10.10
N ALA B 84 -3.65 -6.69 9.57
CA ALA B 84 -2.31 -6.51 9.00
C ALA B 84 -1.85 -7.79 8.30
N THR B 85 -0.78 -7.69 7.52
CA THR B 85 -0.01 -8.87 7.12
C THR B 85 1.16 -9.08 8.08
N TYR B 86 1.30 -10.32 8.59
CA TYR B 86 2.35 -10.66 9.55
C TYR B 86 3.34 -11.55 8.87
N TYR B 87 4.64 -11.31 9.14
CA TYR B 87 5.71 -12.06 8.53
C TYR B 87 6.61 -12.56 9.63
N CYS B 88 7.03 -13.82 9.56
CA CYS B 88 8.17 -14.25 10.37
C CYS B 88 9.42 -14.02 9.58
N GLN B 89 10.54 -14.00 10.30
CA GLN B 89 11.86 -13.87 9.69
C GLN B 89 12.88 -14.67 10.49
N SER B 90 13.61 -15.53 9.78
CA SER B 90 14.78 -16.11 10.39
C SER B 90 15.82 -15.01 10.53
N THR B 91 16.33 -14.86 11.75
CA THR B 91 17.25 -13.76 12.08
C THR B 91 18.61 -14.36 12.45
N TYR B 92 18.77 -15.63 12.10
CA TYR B 92 20.01 -16.38 12.36
C TYR B 92 21.17 -15.66 11.68
N GLU B 93 22.35 -15.68 12.31
CA GLU B 93 23.44 -14.77 11.87
C GLU B 93 24.31 -15.38 10.78
N ASN B 94 23.69 -15.65 9.65
CA ASN B 94 24.37 -16.23 8.52
C ASN B 94 23.51 -15.88 7.32
N PRO B 95 24.12 -15.26 6.26
CA PRO B 95 23.26 -14.80 5.16
C PRO B 95 22.50 -15.94 4.44
N THR B 96 22.99 -17.19 4.52
CA THR B 96 22.25 -18.29 3.89
C THR B 96 21.07 -18.78 4.72
N TYR B 97 20.92 -18.23 5.93
CA TYR B 97 19.86 -18.61 6.83
C TYR B 97 18.77 -17.57 6.98
N VAL B 98 19.03 -16.35 6.51
CA VAL B 98 18.09 -15.25 6.69
CA VAL B 98 18.06 -15.28 6.72
C VAL B 98 17.03 -15.26 5.61
N SER B 99 15.78 -15.26 6.00
CA SER B 99 14.70 -15.03 5.06
C SER B 99 13.40 -14.86 5.81
N PHE B 100 12.44 -14.34 5.06
CA PHE B 100 11.11 -14.08 5.55
C PHE B 100 10.15 -15.17 5.14
N GLY B 101 9.19 -15.47 6.01
CA GLY B 101 8.05 -16.28 5.59
C GLY B 101 7.22 -15.49 4.59
N GLY B 102 6.29 -16.17 3.92
CA GLY B 102 5.51 -15.56 2.83
C GLY B 102 4.40 -14.65 3.33
N GLY B 103 4.25 -14.55 4.64
CA GLY B 103 3.24 -13.68 5.24
C GLY B 103 1.89 -14.36 5.47
N THR B 104 1.13 -13.77 6.39
CA THR B 104 -0.23 -14.15 6.66
C THR B 104 -1.05 -12.89 6.71
N GLU B 105 -2.00 -12.78 5.77
CA GLU B 105 -2.94 -11.68 5.73
CA GLU B 105 -2.92 -11.67 5.76
C GLU B 105 -4.05 -11.94 6.75
N VAL B 106 -4.07 -11.16 7.82
CA VAL B 106 -5.03 -11.34 8.89
C VAL B 106 -6.14 -10.28 8.76
N GLY B 107 -7.36 -10.72 8.46
CA GLY B 107 -8.51 -9.83 8.52
C GLY B 107 -9.19 -9.99 9.88
N VAL B 108 -9.85 -8.93 10.33
CA VAL B 108 -10.53 -8.91 11.61
C VAL B 108 -12.01 -8.74 11.35
N LYS B 109 -12.84 -9.61 11.91
CA LYS B 109 -14.28 -9.52 11.65
CA LYS B 109 -14.30 -9.59 11.69
C LYS B 109 -14.96 -8.73 12.77
N GLY B 110 -15.40 -7.51 12.40
CA GLY B 110 -16.10 -6.66 13.35
C GLY B 110 -17.59 -6.73 13.08
N ASP B 111 -18.32 -5.75 13.60
CA ASP B 111 -19.78 -5.68 13.42
C ASP B 111 -20.16 -5.44 11.96
N PRO B 112 -21.24 -6.11 11.48
CA PRO B 112 -21.72 -5.74 10.15
C PRO B 112 -22.19 -4.31 10.10
N VAL B 113 -21.83 -3.63 9.01
CA VAL B 113 -22.26 -2.25 8.75
C VAL B 113 -22.57 -2.15 7.28
N ALA B 114 -23.80 -1.73 6.97
CA ALA B 114 -24.21 -1.55 5.59
C ALA B 114 -23.52 -0.30 5.01
N PRO B 115 -23.02 -0.37 3.75
CA PRO B 115 -22.38 0.79 3.12
C PRO B 115 -23.38 1.91 2.80
N THR B 116 -22.92 3.16 2.81
CA THR B 116 -23.61 4.15 1.97
C THR B 116 -22.79 4.30 0.67
N VAL B 117 -23.40 4.89 -0.34
CA VAL B 117 -22.81 4.94 -1.65
C VAL B 117 -22.87 6.34 -2.23
N LEU B 118 -21.78 6.73 -2.89
CA LEU B 118 -21.66 8.03 -3.57
C LEU B 118 -21.26 7.79 -5.00
N ILE B 119 -21.82 8.55 -5.93
CA ILE B 119 -21.44 8.45 -7.32
C ILE B 119 -21.01 9.85 -7.83
N PHE B 120 -20.01 9.86 -8.72
CA PHE B 120 -19.38 11.08 -9.17
C PHE B 120 -19.40 11.12 -10.68
N PRO B 121 -20.37 11.86 -11.24
CA PRO B 121 -20.46 11.94 -12.69
C PRO B 121 -19.19 12.56 -13.28
N PRO B 122 -18.83 12.20 -14.52
CA PRO B 122 -17.59 12.80 -15.01
C PRO B 122 -17.72 14.29 -15.33
N SER B 123 -16.68 15.05 -14.97
CA SER B 123 -16.64 16.48 -15.28
C SER B 123 -16.59 16.72 -16.79
N ALA B 124 -17.07 17.89 -17.19
CA ALA B 124 -17.06 18.26 -18.61
C ALA B 124 -15.70 18.10 -19.28
N ASP B 125 -14.66 18.54 -18.59
CA ASP B 125 -13.31 18.43 -19.15
C ASP B 125 -12.82 16.99 -19.19
N LEU B 126 -13.31 16.14 -18.30
CA LEU B 126 -13.00 14.70 -18.38
C LEU B 126 -13.63 14.09 -19.65
N VAL B 127 -14.92 14.34 -19.86
CA VAL B 127 -15.60 13.88 -21.07
C VAL B 127 -14.87 14.37 -22.34
N ALA B 128 -14.36 15.60 -22.29
CA ALA B 128 -13.68 16.20 -23.43
C ALA B 128 -12.37 15.50 -23.84
N THR B 129 -11.83 14.65 -22.97
CA THR B 129 -10.56 13.94 -23.24
C THR B 129 -10.74 12.74 -24.19
N GLY B 130 -12.00 12.35 -24.37
CA GLY B 130 -12.34 11.15 -25.14
C GLY B 130 -12.48 9.90 -24.30
N THR B 131 -12.02 9.95 -23.03
CA THR B 131 -12.06 8.78 -22.12
C THR B 131 -12.77 9.21 -20.84
N VAL B 132 -13.95 8.61 -20.61
CA VAL B 132 -14.76 8.93 -19.44
CA VAL B 132 -14.78 8.92 -19.44
C VAL B 132 -14.51 7.95 -18.30
N THR B 133 -14.34 8.49 -17.09
CA THR B 133 -14.17 7.65 -15.95
C THR B 133 -15.22 8.09 -14.93
N ILE B 134 -16.09 7.15 -14.55
CA ILE B 134 -17.10 7.39 -13.52
C ILE B 134 -16.67 6.76 -12.20
N VAL B 135 -16.75 7.52 -11.11
CA VAL B 135 -16.27 7.01 -9.84
C VAL B 135 -17.41 6.77 -8.88
N CYS B 136 -17.42 5.60 -8.29
CA CYS B 136 -18.34 5.26 -7.22
C CYS B 136 -17.59 4.95 -5.90
N VAL B 137 -18.13 5.40 -4.78
CA VAL B 137 -17.49 5.10 -3.50
C VAL B 137 -18.47 4.41 -2.53
N ALA B 138 -18.04 3.31 -1.93
CA ALA B 138 -18.80 2.62 -0.89
C ALA B 138 -18.15 3.02 0.43
N ASN B 139 -18.94 3.61 1.31
CA ASN B 139 -18.44 4.20 2.55
C ASN B 139 -18.63 3.27 3.77
N LYS B 140 -17.58 3.09 4.57
CA LYS B 140 -17.67 2.60 5.95
C LYS B 140 -18.55 1.36 6.11
N TYR B 141 -18.09 0.25 5.57
CA TYR B 141 -18.93 -0.97 5.54
C TYR B 141 -18.15 -2.18 6.03
N PHE B 142 -18.91 -3.19 6.41
CA PHE B 142 -18.37 -4.50 6.72
C PHE B 142 -19.51 -5.51 6.62
N PRO B 143 -19.25 -6.71 6.09
CA PRO B 143 -18.00 -7.28 5.55
C PRO B 143 -17.83 -6.79 4.13
N ASP B 144 -17.03 -7.51 3.32
CA ASP B 144 -16.80 -7.12 1.93
C ASP B 144 -18.09 -6.92 1.13
N VAL B 145 -17.98 -6.08 0.10
CA VAL B 145 -19.07 -5.84 -0.80
C VAL B 145 -18.65 -6.38 -2.18
N THR B 146 -19.63 -6.64 -3.03
CA THR B 146 -19.38 -6.83 -4.44
C THR B 146 -20.02 -5.61 -5.11
N VAL B 147 -19.41 -5.14 -6.21
CA VAL B 147 -19.92 -3.96 -6.92
C VAL B 147 -20.24 -4.32 -8.36
N THR B 148 -21.41 -3.87 -8.81
CA THR B 148 -21.74 -3.96 -10.21
C THR B 148 -22.15 -2.59 -10.73
N TRP B 149 -22.03 -2.43 -12.03
CA TRP B 149 -22.40 -1.21 -12.70
C TRP B 149 -23.45 -1.52 -13.71
N GLU B 150 -24.48 -0.68 -13.77
CA GLU B 150 -25.52 -0.81 -14.78
C GLU B 150 -25.66 0.46 -15.59
N VAL B 151 -25.76 0.27 -16.89
CA VAL B 151 -25.89 1.32 -17.90
C VAL B 151 -27.19 1.06 -18.67
N ASP B 152 -28.15 1.98 -18.51
CA ASP B 152 -29.53 1.79 -18.95
C ASP B 152 -30.08 0.40 -18.59
N GLY B 153 -29.82 -0.01 -17.35
CA GLY B 153 -30.25 -1.34 -16.87
C GLY B 153 -29.39 -2.55 -17.23
N THR B 154 -28.34 -2.36 -18.03
CA THR B 154 -27.47 -3.47 -18.49
C THR B 154 -26.22 -3.58 -17.63
N THR B 155 -26.03 -4.74 -17.01
CA THR B 155 -24.84 -4.97 -16.20
C THR B 155 -23.58 -4.92 -17.07
N GLN B 156 -22.61 -4.11 -16.62
CA GLN B 156 -21.32 -3.95 -17.30
C GLN B 156 -20.38 -5.06 -16.91
N THR B 157 -19.54 -5.48 -17.85
CA THR B 157 -18.64 -6.59 -17.59
C THR B 157 -17.20 -6.18 -17.84
N THR B 158 -17.01 -5.05 -18.50
CA THR B 158 -15.65 -4.51 -18.68
C THR B 158 -15.47 -3.06 -18.24
N GLY B 159 -14.21 -2.68 -18.10
CA GLY B 159 -13.85 -1.33 -17.75
C GLY B 159 -14.06 -0.98 -16.29
N ILE B 160 -14.13 -1.99 -15.44
CA ILE B 160 -14.40 -1.77 -13.99
C ILE B 160 -13.13 -2.01 -13.19
N GLU B 161 -12.81 -1.08 -12.31
CA GLU B 161 -11.63 -1.25 -11.47
C GLU B 161 -11.93 -0.81 -10.03
N ASN B 162 -11.61 -1.68 -9.07
CA ASN B 162 -11.90 -1.42 -7.66
C ASN B 162 -10.63 -1.29 -6.81
N SER B 163 -10.73 -0.51 -5.74
CA SER B 163 -9.64 -0.31 -4.80
C SER B 163 -10.17 -0.08 -3.38
N LYS B 164 -9.64 -0.84 -2.42
CA LYS B 164 -10.22 -0.90 -1.08
C LYS B 164 -9.24 -0.30 -0.08
N THR B 165 -9.74 0.52 0.87
CA THR B 165 -8.85 1.00 1.96
C THR B 165 -8.58 -0.09 2.98
N PRO B 166 -7.53 0.08 3.84
CA PRO B 166 -7.36 -0.76 5.01
C PRO B 166 -8.63 -0.75 5.87
N GLN B 167 -8.81 -1.80 6.67
CA GLN B 167 -9.79 -1.81 7.73
C GLN B 167 -9.53 -0.68 8.71
N ASN B 168 -10.62 0.04 9.05
CA ASN B 168 -10.58 1.08 10.06
C ASN B 168 -10.06 0.47 11.35
N SER B 169 -9.20 1.20 12.05
CA SER B 169 -8.55 0.68 13.26
C SER B 169 -9.50 0.56 14.43
N ALA B 170 -10.58 1.34 14.41
CA ALA B 170 -11.51 1.35 15.54
C ALA B 170 -12.74 0.49 15.32
N ASP B 171 -13.26 0.45 14.08
CA ASP B 171 -14.48 -0.34 13.86
C ASP B 171 -14.39 -1.45 12.81
N CYS B 172 -13.20 -1.65 12.25
CA CYS B 172 -12.96 -2.72 11.25
C CYS B 172 -13.52 -2.46 9.82
N THR B 173 -14.21 -1.34 9.62
CA THR B 173 -14.90 -1.10 8.34
C THR B 173 -13.94 -0.77 7.21
N TYR B 174 -14.37 -1.13 6.02
CA TYR B 174 -13.69 -0.77 4.76
C TYR B 174 -14.31 0.44 4.09
N ASN B 175 -13.59 0.98 3.11
CA ASN B 175 -14.11 1.90 2.12
C ASN B 175 -13.58 1.42 0.78
N LEU B 176 -14.33 1.66 -0.29
CA LEU B 176 -13.96 1.16 -1.62
C LEU B 176 -14.27 2.21 -2.67
N SER B 177 -13.36 2.36 -3.64
CA SER B 177 -13.71 3.05 -4.89
C SER B 177 -13.91 2.02 -5.96
N SER B 178 -14.92 2.26 -6.79
CA SER B 178 -15.16 1.47 -7.99
C SER B 178 -15.23 2.45 -9.15
N THR B 179 -14.46 2.19 -10.19
CA THR B 179 -14.45 3.15 -11.30
C THR B 179 -14.83 2.44 -12.57
N LEU B 180 -15.69 3.08 -13.34
CA LEU B 180 -16.07 2.56 -14.65
C LEU B 180 -15.48 3.47 -15.70
N THR B 181 -14.79 2.88 -16.67
CA THR B 181 -14.13 3.64 -17.74
C THR B 181 -14.75 3.23 -19.08
N LEU B 182 -15.13 4.23 -19.88
CA LEU B 182 -15.66 4.01 -21.23
C LEU B 182 -15.14 5.13 -22.12
N THR B 183 -15.24 4.96 -23.44
CA THR B 183 -14.99 6.06 -24.35
C THR B 183 -16.14 7.07 -24.19
N SER B 184 -15.88 8.32 -24.56
CA SER B 184 -16.90 9.35 -24.51
CA SER B 184 -16.89 9.36 -24.53
C SER B 184 -18.04 9.04 -25.50
N THR B 185 -17.71 8.41 -26.63
CA THR B 185 -18.72 7.92 -27.58
CA THR B 185 -18.73 7.96 -27.57
C THR B 185 -19.68 6.93 -26.91
N GLU B 186 -19.12 5.93 -26.20
CA GLU B 186 -19.93 4.94 -25.43
C GLU B 186 -20.74 5.66 -24.35
N TYR B 187 -20.06 6.49 -23.56
CA TYR B 187 -20.69 7.29 -22.53
C TYR B 187 -21.89 8.06 -23.07
N ASN B 188 -21.69 8.80 -24.16
CA ASN B 188 -22.75 9.66 -24.71
C ASN B 188 -23.92 8.90 -25.35
N SER B 189 -23.77 7.58 -25.51
CA SER B 189 -24.79 6.75 -26.15
C SER B 189 -25.78 6.13 -25.13
N HIS B 190 -25.60 6.44 -23.85
CA HIS B 190 -26.44 5.87 -22.79
C HIS B 190 -26.91 6.94 -21.84
N LYS B 191 -27.94 6.63 -21.07
CA LYS B 191 -28.57 7.63 -20.22
C LYS B 191 -28.24 7.39 -18.76
N GLU B 192 -28.84 6.34 -18.18
CA GLU B 192 -28.73 6.08 -16.75
C GLU B 192 -27.50 5.26 -16.40
N TYR B 193 -26.72 5.77 -15.45
CA TYR B 193 -25.54 5.10 -14.91
C TYR B 193 -25.78 4.82 -13.45
N THR B 194 -25.63 3.53 -13.09
CA THR B 194 -25.89 3.02 -11.74
C THR B 194 -24.70 2.24 -11.20
N CYS B 195 -24.27 2.65 -10.02
CA CYS B 195 -23.35 1.86 -9.19
C CYS B 195 -24.17 1.11 -8.14
N LYS B 196 -23.96 -0.21 -8.02
CA LYS B 196 -24.80 -1.05 -7.15
C LYS B 196 -23.86 -1.81 -6.22
N VAL B 197 -24.01 -1.57 -4.91
CA VAL B 197 -23.08 -2.10 -3.94
C VAL B 197 -23.79 -3.14 -3.09
N THR B 198 -23.32 -4.39 -3.17
CA THR B 198 -24.09 -5.52 -2.68
C THR B 198 -23.37 -6.28 -1.55
N GLN B 199 -24.14 -6.63 -0.52
CA GLN B 199 -23.69 -7.60 0.49
C GLN B 199 -24.74 -8.68 0.57
N GLY B 200 -24.45 -9.81 -0.07
CA GLY B 200 -25.41 -10.92 -0.11
C GLY B 200 -26.61 -10.54 -0.95
N THR B 201 -27.79 -10.59 -0.34
CA THR B 201 -28.99 -10.24 -1.09
C THR B 201 -29.44 -8.79 -0.94
N THR B 202 -28.66 -7.99 -0.23
CA THR B 202 -28.98 -6.58 0.01
C THR B 202 -28.08 -5.67 -0.83
N SER B 203 -28.67 -4.78 -1.62
CA SER B 203 -27.88 -3.86 -2.44
C SER B 203 -28.27 -2.42 -2.12
N VAL B 204 -27.29 -1.51 -2.25
CA VAL B 204 -27.52 -0.08 -2.16
C VAL B 204 -27.10 0.52 -3.51
N VAL B 205 -27.95 1.37 -4.09
CA VAL B 205 -27.60 1.95 -5.40
C VAL B 205 -27.46 3.45 -5.34
N GLN B 206 -26.62 3.95 -6.23
CA GLN B 206 -26.62 5.35 -6.63
C GLN B 206 -26.62 5.43 -8.14
N SER B 207 -27.44 6.33 -8.66
CA SER B 207 -27.62 6.52 -10.09
C SER B 207 -27.62 7.98 -10.44
N PHE B 208 -27.25 8.24 -11.68
CA PHE B 208 -27.47 9.53 -12.30
C PHE B 208 -27.77 9.34 -13.76
N ASN B 209 -28.33 10.39 -14.36
CA ASN B 209 -28.57 10.41 -15.79
C ASN B 209 -27.49 11.32 -16.45
N ARG B 210 -26.86 10.85 -17.51
CA ARG B 210 -25.76 11.62 -18.12
C ARG B 210 -26.13 13.06 -18.43
N GLY B 211 -27.34 13.26 -18.98
CA GLY B 211 -27.78 14.61 -19.33
C GLY B 211 -28.05 15.53 -18.16
N ASP B 212 -28.18 14.98 -16.94
CA ASP B 212 -28.56 15.80 -15.79
C ASP B 212 -27.35 16.41 -15.11
N CYS B 213 -26.17 15.88 -15.40
CA CYS B 213 -24.99 16.21 -14.60
C CYS B 213 -23.84 16.73 -15.44
S SO4 C . 4.44 4.59 7.07
O1 SO4 C . 5.04 3.45 7.77
O2 SO4 C . 3.02 4.80 7.45
O3 SO4 C . 5.22 5.78 7.42
O4 SO4 C . 4.49 4.34 5.59
#